data_5AVL
#
_entry.id   5AVL
#
_cell.length_a   124.909
_cell.length_b   124.909
_cell.length_c   91.920
_cell.angle_alpha   90.00
_cell.angle_beta   90.00
_cell.angle_gamma   90.00
#
_symmetry.space_group_name_H-M   'I 4 2 2'
#
loop_
_entity.id
_entity.type
_entity.pdbx_description
1 polymer 'Oxysterols receptor LXR-alpha'
2 polymer 'Nuclear receptor coactivator 1'
3 non-polymer '2-[4-[4-[[2-[(2-methylpropan-2-yl)oxycarbonyl]-3-oxidanyl-4-(trifluoromethyl)phenyl]methoxy]phenyl]phenyl]ethanoic acid'
4 water water
#
loop_
_entity_poly.entity_id
_entity_poly.type
_entity_poly.pdbx_seq_one_letter_code
_entity_poly.pdbx_strand_id
1 'polypeptide(L)'
;MKHQHQHQHQHQHQQPLQEEEQAHATSLPPRASSPPQILPQLSPEQLGMIEKLVAAQQQCNRRSFSDRLRVTPWPMAPDP
HSREARQQRFAHFTELAIVSVQEIVDFAKQLPGFLQLSREDQIALLKTSAIEVMLLETSRRYNPGSESITFLKDFSYNRE
DFAKAGLQVEFINPIFEFSRAMNELQLNDAEFALLIAISIFSADRPNVQDQLQVERLQHTYVEALHAYVSIHHPHDRLMF
PRMLMKLVSLRTLSSVHSEQVFALRLQDKKLPPLLSEIWDVHE
;
A
2 'polypeptide(L)' CPSSHSSLTERHKILHRLLQEGSPS B
#
loop_
_chem_comp.id
_chem_comp.type
_chem_comp.name
_chem_comp.formula
4KQ non-polymer '2-[4-[4-[[2-[(2-methylpropan-2-yl)oxycarbonyl]-3-oxidanyl-4-(trifluoromethyl)phenyl]methoxy]phenyl]phenyl]ethanoic acid' 'C27 H25 F3 O6'
#
# COMPACT_ATOMS: atom_id res chain seq x y z
N PRO A 40 -13.08 15.71 18.78
CA PRO A 40 -11.66 15.42 19.03
C PRO A 40 -10.68 16.53 18.56
N GLN A 41 -10.17 17.34 19.49
CA GLN A 41 -9.18 18.36 19.19
C GLN A 41 -7.79 17.74 18.90
N LEU A 42 -7.12 18.25 17.87
CA LEU A 42 -5.81 17.74 17.50
C LEU A 42 -4.77 18.28 18.48
N SER A 43 -3.86 17.42 18.92
CA SER A 43 -2.90 17.80 19.95
C SER A 43 -1.60 18.19 19.29
N PRO A 44 -0.75 18.97 19.99
CA PRO A 44 0.60 19.19 19.56
C PRO A 44 1.28 17.91 19.07
N GLU A 45 1.13 16.83 19.84
CA GLU A 45 1.81 15.59 19.59
C GLU A 45 1.26 14.97 18.33
N GLN A 46 -0.03 15.14 18.04
CA GLN A 46 -0.58 14.57 16.80
C GLN A 46 -0.24 15.39 15.58
N LEU A 47 -0.31 16.71 15.73
CA LEU A 47 0.12 17.67 14.70
C LEU A 47 1.49 17.32 14.13
N GLY A 48 2.47 17.17 15.02
CA GLY A 48 3.84 16.93 14.64
C GLY A 48 4.01 15.56 14.06
N MET A 49 3.23 14.61 14.57
CA MET A 49 3.30 13.27 14.03
C MET A 49 2.80 13.23 12.58
N ILE A 50 1.67 13.89 12.32
CA ILE A 50 1.12 13.97 10.97
C ILE A 50 2.06 14.68 9.99
N GLU A 51 2.66 15.77 10.45
CA GLU A 51 3.53 16.57 9.61
C GLU A 51 4.73 15.80 9.14
N LYS A 52 5.27 15.01 10.06
CA LYS A 52 6.41 14.14 9.87
C LYS A 52 6.13 13.05 8.81
N LEU A 53 4.96 12.41 8.89
CA LEU A 53 4.50 11.43 7.89
C LEU A 53 4.39 12.04 6.50
N VAL A 54 3.74 13.19 6.39
CA VAL A 54 3.66 13.86 5.12
C VAL A 54 5.05 14.21 4.56
N ALA A 55 5.97 14.65 5.41
CA ALA A 55 7.33 14.96 4.99
C ALA A 55 8.09 13.68 4.63
N ALA A 56 7.74 12.54 5.25
CA ALA A 56 8.42 11.26 5.00
C ALA A 56 8.18 10.78 3.59
N GLN A 57 7.02 11.16 3.04
CA GLN A 57 6.72 10.92 1.65
C GLN A 57 7.24 11.97 0.66
N GLN A 58 8.13 12.88 1.11
CA GLN A 58 8.80 13.90 0.23
C GLN A 58 10.27 14.13 0.67
N VAL A 71 15.21 2.57 -14.22
CA VAL A 71 13.92 1.98 -14.65
C VAL A 71 13.80 1.97 -16.18
N THR A 72 13.55 0.78 -16.75
CA THR A 72 13.54 0.58 -18.23
C THR A 72 12.49 1.37 -19.03
N PRO A 73 12.65 1.46 -20.38
CA PRO A 73 11.59 1.83 -21.34
C PRO A 73 10.14 1.27 -21.15
N TRP A 74 9.19 1.75 -21.96
CA TRP A 74 7.80 1.27 -21.95
C TRP A 74 7.32 0.85 -23.35
N ARG A 83 6.20 -11.47 -29.45
CA ARG A 83 5.63 -11.32 -28.12
C ARG A 83 6.71 -11.07 -27.04
N GLU A 84 7.88 -10.58 -27.45
CA GLU A 84 8.86 -10.23 -26.43
C GLU A 84 8.57 -8.88 -25.79
N ALA A 85 7.91 -8.01 -26.56
CA ALA A 85 7.31 -6.76 -26.05
C ALA A 85 6.43 -6.97 -24.80
N ARG A 86 5.78 -8.14 -24.76
CA ARG A 86 4.83 -8.55 -23.75
C ARG A 86 5.51 -8.84 -22.38
N GLN A 87 6.60 -9.61 -22.43
CA GLN A 87 7.36 -9.91 -21.23
C GLN A 87 8.21 -8.70 -20.79
N GLN A 88 8.56 -7.82 -21.73
CA GLN A 88 9.18 -6.56 -21.30
C GLN A 88 8.23 -5.55 -20.61
N ARG A 89 6.97 -5.48 -21.09
CA ARG A 89 5.93 -4.61 -20.50
C ARG A 89 5.60 -5.01 -19.09
N PHE A 90 5.48 -6.32 -18.90
CA PHE A 90 5.34 -6.92 -17.58
C PHE A 90 6.52 -6.54 -16.70
N ALA A 91 7.71 -6.60 -17.27
CA ALA A 91 8.92 -6.34 -16.49
C ALA A 91 8.97 -4.88 -16.01
N HIS A 92 8.69 -3.91 -16.87
CA HIS A 92 8.65 -2.49 -16.45
C HIS A 92 7.62 -2.17 -15.29
N PHE A 93 6.58 -3.01 -15.23
CA PHE A 93 5.51 -2.83 -14.29
C PHE A 93 5.92 -3.38 -12.96
N THR A 94 6.54 -4.56 -12.99
CA THR A 94 7.07 -5.19 -11.77
C THR A 94 8.24 -4.41 -11.20
N GLU A 95 8.95 -3.69 -12.07
CA GLU A 95 10.03 -2.81 -11.62
C GLU A 95 9.54 -1.61 -10.83
N LEU A 96 8.41 -1.06 -11.25
CA LEU A 96 7.74 -0.02 -10.50
C LEU A 96 7.29 -0.48 -9.10
N ALA A 97 6.79 -1.70 -9.01
CA ALA A 97 6.42 -2.28 -7.74
C ALA A 97 7.64 -2.44 -6.84
N ILE A 98 8.76 -2.87 -7.42
CA ILE A 98 9.98 -3.09 -6.64
C ILE A 98 10.42 -1.77 -6.00
N VAL A 99 10.45 -0.72 -6.83
CA VAL A 99 10.67 0.64 -6.37
C VAL A 99 9.68 0.96 -5.25
N SER A 100 8.41 0.63 -5.46
CA SER A 100 7.43 0.97 -4.45
C SER A 100 7.72 0.27 -3.11
N VAL A 101 8.04 -1.03 -3.15
CA VAL A 101 8.42 -1.73 -1.94
C VAL A 101 9.49 -0.97 -1.18
N GLN A 102 10.51 -0.47 -1.88
CA GLN A 102 11.59 0.28 -1.21
C GLN A 102 11.07 1.53 -0.49
N GLU A 103 10.19 2.24 -1.19
CA GLU A 103 9.56 3.41 -0.67
C GLU A 103 8.73 3.12 0.59
N ILE A 104 7.90 2.09 0.54
CA ILE A 104 7.13 1.61 1.68
C ILE A 104 8.00 1.21 2.92
N VAL A 105 9.18 0.63 2.68
CA VAL A 105 10.09 0.25 3.77
C VAL A 105 10.59 1.53 4.40
N ASP A 106 11.15 2.40 3.57
CA ASP A 106 11.64 3.69 4.02
C ASP A 106 10.56 4.44 4.81
N PHE A 107 9.32 4.44 4.28
CA PHE A 107 8.22 5.08 4.94
C PHE A 107 7.96 4.47 6.32
N ALA A 108 8.04 3.13 6.43
CA ALA A 108 7.63 2.42 7.63
C ALA A 108 8.66 2.70 8.69
N LYS A 109 9.92 2.80 8.27
CA LYS A 109 11.05 2.98 9.18
C LYS A 109 10.92 4.28 9.94
N GLN A 110 10.19 5.22 9.32
CA GLN A 110 9.93 6.56 9.86
C GLN A 110 8.69 6.60 10.74
N LEU A 111 7.82 5.59 10.68
CA LEU A 111 6.61 5.52 11.48
C LEU A 111 6.92 5.33 12.96
N PRO A 112 6.49 6.26 13.81
CA PRO A 112 6.73 6.03 15.22
C PRO A 112 6.20 4.69 15.69
N GLY A 113 7.02 3.99 16.46
CA GLY A 113 6.75 2.66 16.96
C GLY A 113 7.24 1.48 16.11
N PHE A 114 7.45 1.71 14.82
CA PHE A 114 7.70 0.63 13.89
C PHE A 114 9.00 -0.16 14.17
N LEU A 115 10.15 0.52 14.15
CA LEU A 115 11.44 -0.11 14.47
C LEU A 115 11.60 -0.68 15.91
N GLN A 116 10.63 -0.43 16.80
CA GLN A 116 10.69 -0.95 18.16
C GLN A 116 10.05 -2.36 18.23
N LEU A 117 9.26 -2.67 17.19
CA LEU A 117 8.73 -3.99 17.05
C LEU A 117 9.91 -4.83 16.62
N SER A 118 9.87 -6.12 16.95
CA SER A 118 10.91 -7.05 16.49
C SER A 118 10.96 -7.01 14.97
N ARG A 119 12.17 -7.10 14.40
CA ARG A 119 12.33 -7.24 12.98
C ARG A 119 11.32 -8.24 12.37
N GLU A 120 11.20 -9.44 12.96
CA GLU A 120 10.21 -10.42 12.52
C GLU A 120 8.81 -9.78 12.34
N ASP A 121 8.39 -8.95 13.31
CA ASP A 121 7.04 -8.36 13.24
C ASP A 121 7.04 -7.30 12.14
N GLN A 122 8.15 -6.61 11.95
CA GLN A 122 8.19 -5.62 10.92
C GLN A 122 8.00 -6.35 9.57
N ILE A 123 8.64 -7.53 9.40
CA ILE A 123 8.46 -8.29 8.15
C ILE A 123 7.00 -8.75 7.98
N ALA A 124 6.40 -9.30 9.03
CA ALA A 124 5.02 -9.70 8.96
C ALA A 124 4.14 -8.52 8.51
N LEU A 125 4.41 -7.32 8.99
CA LEU A 125 3.55 -6.20 8.66
C LEU A 125 3.67 -5.69 7.20
N LEU A 126 4.92 -5.51 6.76
CA LEU A 126 5.22 -5.08 5.43
C LEU A 126 4.87 -6.15 4.37
N LYS A 127 5.16 -7.42 4.68
CA LYS A 127 4.84 -8.52 3.80
C LYS A 127 3.41 -8.41 3.31
N THR A 128 2.44 -8.20 4.19
CA THR A 128 1.02 -8.22 3.78
C THR A 128 0.41 -6.84 3.52
N SER A 129 1.04 -5.78 4.01
CA SER A 129 0.50 -4.44 3.78
C SER A 129 1.00 -3.83 2.47
N ALA A 130 2.14 -4.33 1.97
CA ALA A 130 2.76 -3.72 0.79
C ALA A 130 1.77 -3.51 -0.37
N ILE A 131 0.99 -4.54 -0.71
CA ILE A 131 0.05 -4.44 -1.81
C ILE A 131 -1.01 -3.42 -1.49
N GLU A 132 -1.45 -3.37 -0.22
CA GLU A 132 -2.51 -2.41 0.15
C GLU A 132 -2.00 -0.95 0.05
N VAL A 133 -0.74 -0.73 0.43
CA VAL A 133 -0.13 0.58 0.34
C VAL A 133 0.02 0.91 -1.13
N MET A 134 0.43 -0.08 -1.93
CA MET A 134 0.54 0.09 -3.37
C MET A 134 -0.79 0.46 -3.99
N LEU A 135 -1.85 -0.17 -3.52
CA LEU A 135 -3.18 0.16 -4.02
C LEU A 135 -3.66 1.54 -3.54
N LEU A 136 -3.23 1.96 -2.36
CA LEU A 136 -3.60 3.29 -1.92
C LEU A 136 -2.86 4.32 -2.76
N GLU A 137 -1.61 4.01 -3.10
CA GLU A 137 -0.82 4.91 -3.88
C GLU A 137 -1.36 4.93 -5.31
N THR A 138 -1.91 3.81 -5.75
CA THR A 138 -2.58 3.74 -7.05
C THR A 138 -3.77 4.69 -7.07
N SER A 139 -4.65 4.56 -6.10
CA SER A 139 -5.84 5.41 -6.07
C SER A 139 -5.51 6.90 -5.86
N ARG A 140 -4.32 7.21 -5.35
CA ARG A 140 -3.95 8.61 -5.14
C ARG A 140 -3.62 9.30 -6.44
N ARG A 141 -3.05 8.56 -7.38
CA ARG A 141 -2.74 9.12 -8.67
C ARG A 141 -3.72 8.81 -9.80
N TYR A 142 -4.98 8.61 -9.44
CA TYR A 142 -6.06 8.36 -10.40
C TYR A 142 -6.52 9.67 -11.00
N ASN A 143 -6.79 9.70 -12.32
CA ASN A 143 -7.39 10.87 -13.00
C ASN A 143 -8.76 10.47 -13.51
N PRO A 144 -9.85 11.11 -13.01
CA PRO A 144 -11.20 10.72 -13.46
C PRO A 144 -11.55 11.17 -14.88
N GLY A 145 -10.77 12.08 -15.46
CA GLY A 145 -10.95 12.46 -16.85
C GLY A 145 -10.63 11.31 -17.78
N SER A 146 -9.40 10.82 -17.70
CA SER A 146 -8.87 9.82 -18.61
C SER A 146 -8.98 8.39 -18.09
N GLU A 147 -9.60 8.20 -16.92
CA GLU A 147 -9.65 6.91 -16.22
C GLU A 147 -8.33 6.10 -16.19
N SER A 148 -7.27 6.78 -15.77
CA SER A 148 -5.92 6.29 -15.91
C SER A 148 -5.16 6.59 -14.65
N ILE A 149 -3.99 5.97 -14.53
CA ILE A 149 -3.17 6.12 -13.34
C ILE A 149 -1.83 6.68 -13.74
N THR A 150 -1.49 7.82 -13.15
CA THR A 150 -0.24 8.54 -13.44
C THR A 150 0.84 8.18 -12.39
N PHE A 151 1.60 7.13 -12.71
CA PHE A 151 2.79 6.74 -11.97
C PHE A 151 4.03 7.49 -12.47
N LEU A 152 4.79 8.07 -11.53
CA LEU A 152 6.05 8.79 -11.83
C LEU A 152 5.89 9.86 -12.88
N LYS A 153 5.17 10.92 -12.52
CA LYS A 153 4.94 12.14 -13.33
C LYS A 153 4.39 11.87 -14.73
N ASP A 154 5.25 11.24 -15.52
CA ASP A 154 5.08 11.13 -16.95
C ASP A 154 4.15 9.97 -17.39
N PHE A 155 4.49 8.73 -16.99
CA PHE A 155 3.81 7.52 -17.51
C PHE A 155 2.40 7.27 -16.93
N SER A 156 1.35 7.59 -17.71
CA SER A 156 -0.04 7.24 -17.32
C SER A 156 -0.53 5.86 -17.81
N TYR A 157 -1.42 5.22 -17.07
CA TYR A 157 -1.77 3.83 -17.32
C TYR A 157 -3.25 3.67 -17.19
N ASN A 158 -3.91 3.25 -18.26
CA ASN A 158 -5.32 2.86 -18.09
C ASN A 158 -5.54 1.35 -18.01
N ARG A 159 -6.80 0.95 -17.84
CA ARG A 159 -7.18 -0.46 -17.73
C ARG A 159 -6.57 -1.30 -18.82
N GLU A 160 -6.59 -0.76 -20.05
CA GLU A 160 -5.98 -1.44 -21.19
C GLU A 160 -4.46 -1.54 -21.02
N ASP A 161 -3.81 -0.51 -20.46
CA ASP A 161 -2.36 -0.52 -20.30
C ASP A 161 -1.98 -1.56 -19.27
N PHE A 162 -2.83 -1.71 -18.25
CA PHE A 162 -2.64 -2.67 -17.17
C PHE A 162 -2.73 -4.08 -17.69
N ALA A 163 -3.72 -4.32 -18.56
CA ALA A 163 -3.91 -5.59 -19.23
C ALA A 163 -2.66 -6.00 -20.01
N LYS A 164 -2.14 -5.06 -20.81
CA LYS A 164 -0.94 -5.27 -21.63
C LYS A 164 0.32 -5.39 -20.75
N ALA A 165 0.23 -4.88 -19.52
CA ALA A 165 1.28 -5.12 -18.52
C ALA A 165 1.20 -6.48 -17.81
N GLY A 166 0.26 -7.33 -18.20
CA GLY A 166 0.28 -8.74 -17.78
C GLY A 166 -0.76 -9.11 -16.74
N LEU A 167 -1.47 -8.10 -16.23
CA LEU A 167 -2.46 -8.32 -15.20
C LEU A 167 -3.78 -8.72 -15.84
N GLN A 168 -4.59 -9.49 -15.12
CA GLN A 168 -5.87 -9.96 -15.63
C GLN A 168 -7.04 -9.07 -15.19
N VAL A 169 -8.07 -9.11 -16.04
CA VAL A 169 -9.27 -8.28 -15.97
C VAL A 169 -9.89 -8.36 -14.58
N GLU A 170 -9.95 -9.58 -14.04
CA GLU A 170 -10.60 -9.78 -12.77
C GLU A 170 -9.88 -9.13 -11.60
N PHE A 171 -8.64 -8.69 -11.80
CA PHE A 171 -7.93 -7.80 -10.85
C PHE A 171 -8.09 -6.29 -11.23
N ILE A 172 -7.97 -5.97 -12.54
CA ILE A 172 -7.98 -4.62 -13.10
C ILE A 172 -9.23 -3.84 -12.75
N ASN A 173 -10.40 -4.43 -13.02
CA ASN A 173 -11.68 -3.77 -12.69
C ASN A 173 -11.82 -3.47 -11.17
N PRO A 174 -11.57 -4.46 -10.30
CA PRO A 174 -11.65 -4.00 -8.94
C PRO A 174 -10.64 -2.92 -8.59
N ILE A 175 -9.39 -2.98 -9.09
CA ILE A 175 -8.45 -1.86 -8.86
C ILE A 175 -9.06 -0.50 -9.29
N PHE A 176 -9.61 -0.43 -10.50
CA PHE A 176 -10.17 0.82 -10.99
C PHE A 176 -11.49 1.25 -10.28
N GLU A 177 -12.34 0.30 -9.89
CA GLU A 177 -13.50 0.66 -9.09
C GLU A 177 -13.12 1.33 -7.76
N PHE A 178 -12.19 0.69 -7.04
CA PHE A 178 -11.66 1.20 -5.79
C PHE A 178 -11.07 2.57 -5.97
N SER A 179 -10.23 2.77 -6.99
CA SER A 179 -9.65 4.07 -7.27
C SER A 179 -10.71 5.15 -7.52
N ARG A 180 -11.76 4.80 -8.26
CA ARG A 180 -12.83 5.74 -8.53
C ARG A 180 -13.56 6.11 -7.24
N ALA A 181 -13.93 5.09 -6.49
CA ALA A 181 -14.62 5.29 -5.24
C ALA A 181 -13.77 6.11 -4.28
N MET A 182 -12.45 5.91 -4.33
CA MET A 182 -11.50 6.59 -3.44
C MET A 182 -11.29 8.04 -3.80
N ASN A 183 -11.36 8.33 -5.11
CA ASN A 183 -11.20 9.66 -5.68
C ASN A 183 -12.38 10.56 -5.36
N GLU A 184 -13.58 9.99 -5.24
CA GLU A 184 -14.75 10.73 -4.73
C GLU A 184 -14.50 11.32 -3.33
N LEU A 185 -13.77 10.62 -2.47
CA LEU A 185 -13.44 11.14 -1.14
C LEU A 185 -12.45 12.33 -1.11
N GLN A 186 -11.72 12.52 -2.23
CA GLN A 186 -10.73 13.60 -2.39
C GLN A 186 -9.78 13.73 -1.20
N LEU A 187 -9.00 12.71 -0.93
CA LEU A 187 -8.12 12.72 0.21
C LEU A 187 -6.89 13.57 -0.09
N ASN A 188 -6.35 14.25 0.93
CA ASN A 188 -5.05 14.91 0.79
C ASN A 188 -3.94 14.05 1.34
N ASP A 189 -2.75 14.59 1.33
CA ASP A 189 -1.61 13.87 1.78
C ASP A 189 -1.73 13.37 3.19
N ALA A 190 -2.22 14.22 4.10
CA ALA A 190 -2.31 13.86 5.52
C ALA A 190 -3.22 12.69 5.71
N GLU A 191 -4.34 12.69 4.97
CA GLU A 191 -5.26 11.56 5.02
C GLU A 191 -4.65 10.29 4.42
N PHE A 192 -3.95 10.43 3.29
CA PHE A 192 -3.22 9.32 2.69
C PHE A 192 -2.17 8.68 3.60
N ALA A 193 -1.31 9.53 4.16
CA ALA A 193 -0.24 9.02 5.00
C ALA A 193 -0.82 8.23 6.17
N LEU A 194 -1.84 8.78 6.81
CA LEU A 194 -2.45 8.11 7.93
C LEU A 194 -3.08 6.78 7.55
N LEU A 195 -3.83 6.72 6.45
CA LEU A 195 -4.39 5.44 6.01
C LEU A 195 -3.35 4.36 5.74
N ILE A 196 -2.25 4.77 5.12
CA ILE A 196 -1.08 3.92 4.92
C ILE A 196 -0.56 3.44 6.27
N ALA A 197 -0.35 4.35 7.19
CA ALA A 197 0.12 3.94 8.51
C ALA A 197 -0.86 2.96 9.16
N ILE A 198 -2.17 3.27 9.18
CA ILE A 198 -3.14 2.36 9.77
C ILE A 198 -3.07 0.98 9.08
N SER A 199 -3.02 0.98 7.76
CA SER A 199 -2.91 -0.27 7.03
C SER A 199 -1.68 -1.12 7.41
N ILE A 200 -0.50 -0.48 7.46
CA ILE A 200 0.71 -1.11 7.94
C ILE A 200 0.55 -1.74 9.35
N PHE A 201 0.02 -0.99 10.30
CA PHE A 201 -0.11 -1.52 11.64
C PHE A 201 -1.41 -2.28 11.88
N SER A 202 -1.74 -3.28 11.06
CA SER A 202 -2.91 -4.09 11.35
C SER A 202 -2.46 -5.27 12.20
N ALA A 203 -3.04 -5.48 13.40
CA ALA A 203 -2.63 -6.59 14.28
C ALA A 203 -3.09 -7.98 13.82
N ASP A 204 -3.94 -7.96 12.79
CA ASP A 204 -4.56 -9.21 12.40
C ASP A 204 -3.84 -9.86 11.22
N ARG A 205 -2.70 -9.33 10.80
CA ARG A 205 -1.89 -9.98 9.72
C ARG A 205 -1.37 -11.35 10.19
N PRO A 206 -1.20 -12.31 9.24
CA PRO A 206 -0.60 -13.61 9.63
C PRO A 206 0.75 -13.45 10.38
N ASN A 207 1.01 -14.30 11.36
CA ASN A 207 2.31 -14.36 12.05
C ASN A 207 2.79 -13.09 12.80
N VAL A 208 1.88 -12.24 13.30
CA VAL A 208 2.26 -11.07 14.08
C VAL A 208 2.32 -11.55 15.53
N GLN A 209 3.40 -11.23 16.24
CA GLN A 209 3.62 -11.69 17.60
C GLN A 209 2.95 -10.73 18.59
N ASP A 210 3.34 -9.46 18.53
CA ASP A 210 2.87 -8.48 19.47
C ASP A 210 1.69 -7.75 18.89
N GLN A 211 0.62 -8.50 18.73
CA GLN A 211 -0.67 -7.99 18.34
C GLN A 211 -1.06 -6.75 19.13
N LEU A 212 -0.91 -6.83 20.45
CA LEU A 212 -1.31 -5.79 21.36
C LEU A 212 -0.55 -4.51 21.04
N GLN A 213 0.76 -4.60 20.91
CA GLN A 213 1.50 -3.40 20.57
C GLN A 213 1.14 -2.88 19.18
N VAL A 214 0.97 -3.80 18.22
CA VAL A 214 0.61 -3.39 16.89
C VAL A 214 -0.75 -2.66 16.90
N GLU A 215 -1.74 -3.28 17.55
CA GLU A 215 -3.04 -2.63 17.77
C GLU A 215 -2.95 -1.28 18.45
N ARG A 216 -2.26 -1.16 19.59
CA ARG A 216 -2.19 0.09 20.35
C ARG A 216 -1.63 1.22 19.47
N LEU A 217 -0.53 0.92 18.78
CA LEU A 217 0.03 1.76 17.73
C LEU A 217 -1.00 2.16 16.65
N GLN A 218 -1.75 1.21 16.11
CA GLN A 218 -2.77 1.55 15.10
C GLN A 218 -3.79 2.58 15.59
N HIS A 219 -4.14 2.49 16.86
CA HIS A 219 -5.18 3.33 17.37
C HIS A 219 -4.71 4.77 17.53
N THR A 220 -3.42 4.97 17.78
CA THR A 220 -2.91 6.33 17.85
C THR A 220 -3.03 6.99 16.45
N TYR A 221 -2.80 6.22 15.39
CA TYR A 221 -2.98 6.76 14.04
C TYR A 221 -4.47 6.96 13.70
N VAL A 222 -5.31 6.05 14.22
CA VAL A 222 -6.75 6.16 13.99
C VAL A 222 -7.30 7.43 14.64
N GLU A 223 -6.97 7.64 15.91
CA GLU A 223 -7.26 8.89 16.59
C GLU A 223 -6.73 10.14 15.90
N ALA A 224 -5.47 10.09 15.43
CA ALA A 224 -4.87 11.25 14.76
C ALA A 224 -5.68 11.58 13.49
N LEU A 225 -6.08 10.55 12.75
CA LEU A 225 -6.93 10.72 11.60
C LEU A 225 -8.26 11.37 11.98
N HIS A 226 -8.89 10.84 13.01
CA HIS A 226 -10.17 11.34 13.45
C HIS A 226 -10.07 12.85 13.69
N ALA A 227 -9.11 13.22 14.53
CA ALA A 227 -8.90 14.63 14.87
C ALA A 227 -8.52 15.50 13.65
N TYR A 228 -7.77 14.93 12.70
CA TYR A 228 -7.43 15.64 11.48
C TYR A 228 -8.61 15.99 10.62
N VAL A 229 -9.38 14.94 10.33
CA VAL A 229 -10.56 15.02 9.47
C VAL A 229 -11.57 15.95 10.10
N SER A 230 -11.47 16.12 11.43
CA SER A 230 -12.35 17.06 12.10
C SER A 230 -12.04 18.51 11.79
N ILE A 231 -10.78 18.80 11.42
CA ILE A 231 -10.39 20.15 11.04
C ILE A 231 -10.64 20.32 9.55
N HIS A 232 -10.33 19.25 8.79
CA HIS A 232 -10.44 19.23 7.33
C HIS A 232 -11.90 19.25 6.84
N HIS A 233 -12.75 18.43 7.49
CA HIS A 233 -14.19 18.39 7.22
C HIS A 233 -15.06 18.68 8.44
N PRO A 234 -15.04 19.92 8.97
CA PRO A 234 -15.75 20.15 10.24
C PRO A 234 -17.30 20.00 10.18
N HIS A 235 -17.89 19.92 9.00
CA HIS A 235 -19.35 19.82 8.88
C HIS A 235 -19.81 18.46 8.39
N ASP A 236 -18.87 17.53 8.15
CA ASP A 236 -19.21 16.25 7.61
C ASP A 236 -18.54 15.15 8.41
N ARG A 237 -19.24 14.76 9.47
CA ARG A 237 -18.83 13.78 10.44
C ARG A 237 -18.76 12.38 9.83
N LEU A 238 -19.34 12.18 8.67
CA LEU A 238 -19.20 10.91 7.97
C LEU A 238 -17.80 10.68 7.31
N MET A 239 -17.06 11.75 7.04
CA MET A 239 -15.81 11.57 6.30
C MET A 239 -14.81 10.66 6.96
N PHE A 240 -14.65 10.78 8.29
CA PHE A 240 -13.74 9.92 9.03
C PHE A 240 -14.14 8.46 8.98
N PRO A 241 -15.44 8.14 9.18
CA PRO A 241 -15.66 6.70 8.98
C PRO A 241 -15.54 6.21 7.53
N ARG A 242 -15.88 7.08 6.55
CA ARG A 242 -15.82 6.65 5.13
C ARG A 242 -14.45 6.24 4.67
N MET A 243 -13.45 7.00 5.14
CA MET A 243 -12.04 6.69 4.96
C MET A 243 -11.63 5.36 5.53
N LEU A 244 -12.08 5.06 6.77
CA LEU A 244 -11.76 3.74 7.39
C LEU A 244 -12.43 2.58 6.62
N MET A 245 -13.63 2.84 6.09
CA MET A 245 -14.39 1.82 5.36
C MET A 245 -13.68 1.45 4.08
N LYS A 246 -12.73 2.28 3.65
CA LYS A 246 -11.88 1.90 2.53
C LYS A 246 -10.84 0.84 2.90
N LEU A 247 -10.59 0.64 4.20
CA LEU A 247 -9.62 -0.41 4.55
C LEU A 247 -10.29 -1.76 4.47
N VAL A 248 -11.61 -1.75 4.57
CA VAL A 248 -12.39 -2.96 4.39
C VAL A 248 -12.21 -3.48 2.93
N SER A 249 -12.59 -2.63 1.97
CA SER A 249 -12.39 -2.80 0.53
C SER A 249 -10.97 -3.18 0.17
N LEU A 250 -10.00 -2.45 0.74
CA LEU A 250 -8.58 -2.81 0.63
C LEU A 250 -8.25 -4.25 0.94
N ARG A 251 -8.92 -4.88 1.91
CA ARG A 251 -8.65 -6.32 2.20
C ARG A 251 -9.13 -7.24 1.11
N THR A 252 -10.28 -6.91 0.52
CA THR A 252 -10.82 -7.72 -0.56
C THR A 252 -9.86 -7.64 -1.73
N LEU A 253 -9.42 -6.41 -2.04
CA LEU A 253 -8.45 -6.19 -3.09
C LEU A 253 -7.14 -6.96 -2.92
N SER A 254 -6.65 -6.95 -1.69
CA SER A 254 -5.51 -7.77 -1.29
C SER A 254 -5.67 -9.26 -1.65
N SER A 255 -6.85 -9.84 -1.51
CA SER A 255 -6.93 -11.23 -1.95
C SER A 255 -7.25 -11.42 -3.43
N VAL A 256 -7.89 -10.43 -4.07
CA VAL A 256 -8.05 -10.50 -5.52
C VAL A 256 -6.63 -10.49 -6.14
N HIS A 257 -5.72 -9.77 -5.49
CA HIS A 257 -4.30 -9.82 -5.80
C HIS A 257 -3.68 -11.21 -5.52
N SER A 258 -4.21 -11.95 -4.54
CA SER A 258 -3.74 -13.32 -4.34
C SER A 258 -4.12 -14.21 -5.48
N GLU A 259 -5.36 -14.10 -5.93
CA GLU A 259 -5.81 -14.82 -7.12
C GLU A 259 -5.02 -14.44 -8.37
N GLN A 260 -4.52 -13.22 -8.40
CA GLN A 260 -3.66 -12.73 -9.46
C GLN A 260 -2.29 -13.40 -9.47
N VAL A 261 -1.66 -13.43 -8.30
CA VAL A 261 -0.34 -14.02 -8.12
C VAL A 261 -0.38 -15.49 -8.51
N PHE A 262 -1.44 -16.17 -8.03
CA PHE A 262 -1.64 -17.59 -8.32
C PHE A 262 -1.84 -17.83 -9.84
N ALA A 263 -2.56 -16.93 -10.53
CA ALA A 263 -2.81 -17.09 -11.98
C ALA A 263 -1.54 -16.93 -12.84
N LEU A 264 -0.58 -16.16 -12.35
CA LEU A 264 0.69 -15.95 -13.00
C LEU A 264 1.52 -17.18 -12.95
N ARG A 265 1.35 -17.94 -11.86
CA ARG A 265 2.02 -19.23 -11.69
C ARG A 265 1.60 -20.17 -12.77
N LEU A 266 0.29 -20.22 -13.02
CA LEU A 266 -0.32 -21.02 -14.08
C LEU A 266 0.07 -20.63 -15.50
N GLN A 267 0.36 -19.36 -15.78
CA GLN A 267 0.91 -19.00 -17.08
C GLN A 267 2.45 -18.99 -16.99
N ASP A 268 3.15 -18.60 -18.06
CA ASP A 268 4.61 -18.59 -17.98
C ASP A 268 5.15 -17.23 -17.53
N LYS A 269 4.83 -16.83 -16.30
CA LYS A 269 5.19 -15.50 -15.84
C LYS A 269 5.72 -15.44 -14.42
N LYS A 270 7.04 -15.30 -14.28
CA LYS A 270 7.66 -15.27 -12.96
C LYS A 270 7.89 -13.86 -12.44
N LEU A 271 7.34 -13.60 -11.26
CA LEU A 271 7.66 -12.45 -10.42
C LEU A 271 9.17 -12.31 -10.17
N PRO A 272 9.71 -11.08 -10.23
CA PRO A 272 11.11 -10.82 -9.91
C PRO A 272 11.39 -11.07 -8.41
N PRO A 273 12.68 -11.35 -8.06
CA PRO A 273 13.09 -11.73 -6.69
C PRO A 273 12.38 -11.11 -5.50
N LEU A 274 12.38 -9.78 -5.36
CA LEU A 274 11.74 -9.15 -4.18
C LEU A 274 10.24 -9.43 -4.13
N LEU A 275 9.58 -9.31 -5.28
CA LEU A 275 8.14 -9.40 -5.34
C LEU A 275 7.75 -10.84 -5.03
N SER A 276 8.54 -11.76 -5.55
CA SER A 276 8.31 -13.17 -5.32
C SER A 276 8.41 -13.47 -3.85
N GLU A 277 9.42 -12.89 -3.22
CA GLU A 277 9.65 -13.04 -1.82
C GLU A 277 8.44 -12.55 -0.99
N ILE A 278 7.87 -11.39 -1.28
CA ILE A 278 6.68 -11.00 -0.50
C ILE A 278 5.35 -11.66 -0.90
N TRP A 279 5.22 -12.09 -2.16
CA TRP A 279 3.92 -12.48 -2.68
C TRP A 279 3.74 -13.92 -3.05
N ASP A 280 4.80 -14.60 -3.47
CA ASP A 280 4.67 -16.03 -3.78
C ASP A 280 4.59 -16.87 -2.53
N VAL A 281 3.61 -17.78 -2.48
CA VAL A 281 3.50 -18.73 -1.36
C VAL A 281 4.41 -19.89 -1.72
N HIS A 282 5.33 -20.26 -0.82
CA HIS A 282 6.42 -21.19 -1.17
C HIS A 282 6.35 -22.63 -0.67
N GLU A 283 5.57 -22.86 0.40
CA GLU A 283 5.36 -24.18 1.05
C GLU A 283 6.65 -24.87 1.54
N SER B 7 11.64 -18.97 10.41
CA SER B 7 11.08 -17.66 10.75
C SER B 7 10.76 -16.97 9.45
N LEU B 8 9.99 -15.89 9.53
CA LEU B 8 9.78 -15.07 8.37
C LEU B 8 11.10 -14.45 7.90
N THR B 9 11.92 -13.99 8.84
CA THR B 9 13.18 -13.30 8.57
C THR B 9 14.06 -14.12 7.64
N GLU B 10 14.28 -15.38 7.97
CA GLU B 10 15.07 -16.28 7.11
C GLU B 10 14.44 -16.50 5.71
N ARG B 11 13.14 -16.23 5.55
CA ARG B 11 12.44 -16.45 4.28
C ARG B 11 12.26 -15.16 3.50
N HIS B 12 12.65 -14.03 4.08
CA HIS B 12 12.51 -12.72 3.44
C HIS B 12 13.79 -11.92 3.43
N LYS B 13 14.82 -12.48 2.80
CA LYS B 13 16.15 -11.87 2.81
C LYS B 13 16.21 -10.45 2.23
N ILE B 14 15.54 -10.20 1.06
CA ILE B 14 15.68 -8.91 0.40
C ILE B 14 14.96 -7.87 1.25
N LEU B 15 13.77 -8.23 1.72
CA LEU B 15 13.02 -7.34 2.55
C LEU B 15 13.79 -7.03 3.84
N HIS B 16 14.41 -8.05 4.41
CA HIS B 16 15.24 -7.89 5.63
C HIS B 16 16.37 -6.91 5.34
N ARG B 17 17.05 -7.12 4.22
CA ARG B 17 18.20 -6.31 3.86
C ARG B 17 17.76 -4.86 3.61
N LEU B 18 16.57 -4.65 3.01
CA LEU B 18 16.07 -3.28 2.85
C LEU B 18 15.85 -2.63 4.19
N LEU B 19 15.33 -3.41 5.14
CA LEU B 19 15.05 -2.91 6.49
C LEU B 19 16.30 -2.58 7.30
N GLN B 20 17.43 -3.21 7.00
CA GLN B 20 18.67 -3.00 7.74
C GLN B 20 19.43 -1.75 7.35
N GLU B 21 19.47 -1.38 6.05
CA GLU B 21 20.07 -0.10 5.61
C GLU B 21 19.46 1.08 6.35
C20 4KQ C . 3.25 3.28 -7.07
C24 4KQ C . 4.91 3.32 -8.76
C15 4KQ C . 3.38 0.41 -7.43
C17 4KQ C . 3.34 0.89 -9.76
C21 4KQ C . 3.57 4.56 -6.65
C23 4KQ C . 5.26 4.59 -8.34
C29 4KQ C . 3.08 -5.49 -10.97
C30 4KQ C . 2.84 -6.84 -10.95
C14 4KQ C . 3.05 -0.91 -7.67
C18 4KQ C . 3.02 -0.43 -10.03
C19 4KQ C . 3.90 2.65 -8.11
C16 4KQ C . 3.53 1.31 -8.46
C2 4KQ C . 1.19 -5.08 -9.54
C22 4KQ C . 4.59 5.22 -7.29
C10 4KQ C . 2.27 -4.61 -10.27
C31 4KQ C . 1.78 -7.30 -10.23
C13 4KQ C . 2.88 -1.30 -8.98
C1 4KQ C . 0.98 -6.44 -9.54
C3 4KQ C . 0.18 -4.34 -8.74
C26 4KQ C . 4.73 7.51 -8.00
C6 4KQ C . -2.26 -2.64 -8.97
C7 4KQ C . -0.63 -1.62 -7.36
C8 4KQ C . -0.80 -0.84 -9.62
C25 4KQ C . 4.96 6.58 -6.85
C11 4KQ C . 2.73 -3.22 -10.44
C32 4KQ C . 1.57 -8.74 -10.23
C5 4KQ C . -0.88 -2.08 -8.77
O9 4KQ C . -0.49 -4.93 -7.91
O27 4KQ C . 4.11 7.26 -9.01
O36 4KQ C . -0.07 -6.95 -8.80
O28 4KQ C . 5.34 8.70 -7.78
O12 4KQ C . 2.57 -2.62 -9.17
O4 4KQ C . 0.13 -3.01 -9.16
F33 4KQ C . 2.15 -9.24 -11.34
F34 4KQ C . 2.01 -9.33 -9.09
F35 4KQ C . 0.30 -9.13 -10.37
#